data_5ZKI
#
_entry.id   5ZKI
#
_cell.length_a   73.497
_cell.length_b   91.123
_cell.length_c   129.451
_cell.angle_alpha   90.00
_cell.angle_beta   90.00
_cell.angle_gamma   90.00
#
_symmetry.space_group_name_H-M   'P 21 21 21'
#
loop_
_entity.id
_entity.type
_entity.pdbx_description
1 polymer 'Nuclease EXOG, mitochondrial'
2 polymer "DNA (5'-D(*CP*GP*GP*GP*AP*TP*AP*TP*CP*CP*CP*G)-3')"
3 non-polymer 'CHLORIDE ION'
4 non-polymer 'MAGNESIUM ION'
5 water water
#
loop_
_entity_poly.entity_id
_entity_poly.type
_entity_poly.pdbx_seq_one_letter_code
_entity_poly.pdbx_strand_id
1 'polypeptide(L)'
;MGSSHHHHHHSSGLVPRGSHMQGAEGALTGKQPDGSAEKAVLEQFGFPLTGTEARCYTNHALSYDQAKRVPRWVLEHISK
SKIMGDADRKHCKFKPDPNIPPTFSAFNEDYVGSGWSRGAMAPAGNNKFSSKAMAETFYLSNIVPQDFDNNSGYWNRIEM
YCRELTERFEDVWVVSGPLTLPQTRGDGKKIVSYQVIGEDNVAVPSHLYKVILARRSSVSTEPLALGAFVVPNEAIGFQP
QLTEFQVSLQDLEKLSGLVFFPHLDRTSDIRNICSVDTCKLLDFQEFTLYLSTRKIEGARSVLRLEKIMENLKNAEIEPD
DYFMSRYEKKLEELKAKEQSGTQIRKPS
;
A,B
2 'polydeoxyribonucleotide' (DC)(DG)(DG)(DG)(DA)(DT)(DA)(DT)(DC)(DC)(DC)(DG) C,D,E,F
#
loop_
_chem_comp.id
_chem_comp.type
_chem_comp.name
_chem_comp.formula
CL non-polymer 'CHLORIDE ION' 'Cl -1'
DA DNA linking 2'-DEOXYADENOSINE-5'-MONOPHOSPHATE 'C10 H14 N5 O6 P'
DC DNA linking 2'-DEOXYCYTIDINE-5'-MONOPHOSPHATE 'C9 H14 N3 O7 P'
DG DNA linking 2'-DEOXYGUANOSINE-5'-MONOPHOSPHATE 'C10 H14 N5 O7 P'
DT DNA linking THYMIDINE-5'-MONOPHOSPHATE 'C10 H15 N2 O8 P'
MG non-polymer 'MAGNESIUM ION' 'Mg 2'
#
# COMPACT_ATOMS: atom_id res chain seq x y z
N GLU A 38 -2.80 -14.78 26.47
CA GLU A 38 -3.91 -13.93 26.04
C GLU A 38 -3.83 -13.62 24.56
N LYS A 39 -2.62 -13.30 24.10
CA LYS A 39 -2.39 -13.09 22.67
C LYS A 39 -2.48 -14.40 21.90
N ALA A 40 -2.41 -15.54 22.60
CA ALA A 40 -2.45 -16.83 21.92
C ALA A 40 -3.78 -17.04 21.20
N VAL A 41 -4.89 -16.77 21.88
CA VAL A 41 -6.19 -16.92 21.24
C VAL A 41 -6.30 -16.00 20.04
N LEU A 42 -5.76 -14.79 20.15
CA LEU A 42 -5.83 -13.84 19.05
C LEU A 42 -5.13 -14.38 17.81
N GLU A 43 -3.93 -14.93 17.99
CA GLU A 43 -3.11 -15.42 16.88
C GLU A 43 -3.27 -16.92 16.67
N GLN A 44 -4.34 -17.52 17.18
CA GLN A 44 -4.50 -18.97 17.11
C GLN A 44 -4.38 -19.46 15.68
N PHE A 45 -4.93 -18.71 14.72
CA PHE A 45 -4.83 -19.05 13.31
C PHE A 45 -3.85 -18.14 12.57
N GLY A 46 -2.97 -17.46 13.30
CA GLY A 46 -1.94 -16.64 12.69
C GLY A 46 -2.40 -15.24 12.33
N PHE A 47 -1.45 -14.30 12.29
CA PHE A 47 -1.74 -12.96 11.81
C PHE A 47 -1.82 -12.94 10.29
N PRO A 48 -2.55 -12.00 9.71
CA PRO A 48 -2.53 -11.85 8.26
C PRO A 48 -1.12 -11.59 7.74
N LEU A 49 -0.86 -12.07 6.53
CA LEU A 49 0.46 -11.95 5.92
C LEU A 49 0.45 -10.82 4.90
N THR A 50 1.36 -9.86 5.06
CA THR A 50 1.50 -8.78 4.09
C THR A 50 2.55 -9.09 3.02
N GLY A 51 3.45 -10.03 3.28
CA GLY A 51 4.44 -10.42 2.28
C GLY A 51 5.39 -9.30 1.91
N THR A 52 5.81 -8.49 2.89
CA THR A 52 6.70 -7.36 2.65
C THR A 52 8.13 -7.64 3.07
N GLU A 53 8.44 -8.85 3.55
CA GLU A 53 9.78 -9.17 3.99
C GLU A 53 10.79 -9.01 2.85
N ALA A 54 11.99 -8.59 3.21
CA ALA A 54 13.04 -8.39 2.21
C ALA A 54 13.41 -9.71 1.57
N ARG A 55 13.51 -9.70 0.24
CA ARG A 55 13.91 -10.86 -0.55
C ARG A 55 15.29 -10.62 -1.11
N CYS A 56 16.20 -11.57 -0.92
CA CYS A 56 17.59 -11.41 -1.32
C CYS A 56 17.89 -12.23 -2.56
N TYR A 57 18.61 -11.61 -3.49
CA TYR A 57 19.00 -12.25 -4.74
C TYR A 57 20.50 -12.13 -4.93
N THR A 58 21.01 -12.53 -6.10
CA THR A 58 22.45 -12.59 -6.29
C THR A 58 23.11 -11.24 -6.00
N ASN A 59 22.57 -10.16 -6.59
CA ASN A 59 23.18 -8.84 -6.44
C ASN A 59 22.14 -7.76 -6.21
N HIS A 60 21.05 -8.08 -5.53
CA HIS A 60 20.08 -7.07 -5.13
C HIS A 60 19.06 -7.72 -4.20
N ALA A 61 18.39 -6.86 -3.42
CA ALA A 61 17.30 -7.28 -2.55
C ALA A 61 16.11 -6.37 -2.79
N LEU A 62 14.92 -6.88 -2.49
CA LEU A 62 13.70 -6.11 -2.72
C LEU A 62 12.63 -6.51 -1.73
N SER A 63 11.70 -5.59 -1.52
CA SER A 63 10.44 -5.87 -0.85
C SER A 63 9.33 -5.78 -1.88
N TYR A 64 8.50 -6.80 -1.96
CA TYR A 64 7.47 -6.91 -2.99
C TYR A 64 6.13 -6.39 -2.45
N ASP A 65 5.38 -5.73 -3.33
CA ASP A 65 4.06 -5.19 -3.00
C ASP A 65 3.01 -6.09 -3.65
N GLN A 66 2.41 -6.98 -2.86
CA GLN A 66 1.48 -7.96 -3.40
C GLN A 66 0.19 -7.31 -3.90
N ALA A 67 -0.24 -6.22 -3.27
CA ALA A 67 -1.47 -5.56 -3.71
C ALA A 67 -1.29 -4.87 -5.05
N LYS A 68 -0.17 -4.18 -5.25
CA LYS A 68 0.08 -3.48 -6.50
C LYS A 68 0.81 -4.34 -7.53
N ARG A 69 1.39 -5.46 -7.11
CA ARG A 69 2.04 -6.39 -8.04
C ARG A 69 3.33 -5.78 -8.60
N VAL A 70 4.02 -5.04 -7.75
CA VAL A 70 5.29 -4.39 -8.10
C VAL A 70 6.18 -4.37 -6.87
N PRO A 71 7.47 -4.16 -7.06
CA PRO A 71 8.35 -4.00 -5.91
C PRO A 71 8.05 -2.72 -5.16
N ARG A 72 8.25 -2.75 -3.85
CA ARG A 72 8.13 -1.57 -3.01
C ARG A 72 9.45 -0.81 -2.95
N TRP A 73 10.55 -1.52 -2.75
CA TRP A 73 11.88 -0.97 -2.87
C TRP A 73 12.82 -2.06 -3.36
N VAL A 74 13.89 -1.64 -4.01
CA VAL A 74 14.92 -2.54 -4.52
C VAL A 74 16.27 -1.95 -4.17
N LEU A 75 17.03 -2.66 -3.34
CA LEU A 75 18.36 -2.22 -2.92
C LEU A 75 19.43 -2.96 -3.71
N GLU A 76 20.44 -2.23 -4.15
CA GLU A 76 21.56 -2.79 -4.88
C GLU A 76 22.83 -2.08 -4.48
N HIS A 77 23.96 -2.79 -4.57
CA HIS A 77 25.28 -2.24 -4.32
C HIS A 77 26.08 -2.36 -5.61
N ILE A 78 26.54 -1.22 -6.13
CA ILE A 78 27.26 -1.16 -7.39
C ILE A 78 28.74 -0.97 -7.10
N SER A 79 29.58 -1.66 -7.89
CA SER A 79 31.02 -1.44 -7.88
C SER A 79 31.53 -1.60 -9.30
N LYS A 80 32.75 -1.12 -9.54
CA LYS A 80 33.30 -1.17 -10.89
C LYS A 80 33.48 -2.61 -11.36
N SER A 81 33.73 -3.54 -10.43
CA SER A 81 33.91 -4.93 -10.82
C SER A 81 32.61 -5.57 -11.27
N LYS A 82 31.48 -5.17 -10.69
CA LYS A 82 30.20 -5.79 -11.02
C LYS A 82 29.65 -5.30 -12.35
N ILE A 83 29.97 -4.07 -12.77
CA ILE A 83 29.45 -3.54 -14.02
C ILE A 83 30.20 -4.05 -15.24
N MET A 84 31.27 -4.81 -15.05
CA MET A 84 32.01 -5.41 -16.15
C MET A 84 31.82 -6.93 -16.14
N GLY A 85 31.83 -7.51 -17.32
CA GLY A 85 31.70 -8.95 -17.46
C GLY A 85 31.06 -9.30 -18.79
N ASP A 86 30.73 -10.58 -18.91
CA ASP A 86 30.22 -11.15 -20.16
C ASP A 86 28.71 -11.30 -20.19
N ALA A 87 28.03 -11.19 -19.05
CA ALA A 87 26.59 -11.39 -19.01
C ALA A 87 25.91 -10.53 -20.07
N ASP A 88 25.11 -11.18 -20.91
CA ASP A 88 24.51 -10.54 -22.08
C ASP A 88 23.03 -10.28 -21.83
N ARG A 89 22.58 -9.07 -22.15
CA ARG A 89 21.18 -8.71 -21.96
C ARG A 89 20.28 -9.54 -22.87
N LYS A 90 20.71 -9.82 -24.09
CA LYS A 90 19.87 -10.51 -25.07
C LYS A 90 19.58 -11.95 -24.69
N HIS A 91 20.31 -12.52 -23.73
CA HIS A 91 20.11 -13.89 -23.30
C HIS A 91 19.19 -14.00 -22.08
N CYS A 92 18.45 -12.94 -21.76
CA CYS A 92 17.55 -12.92 -20.62
C CYS A 92 16.11 -12.75 -21.09
N LYS A 93 15.18 -13.11 -20.23
CA LYS A 93 13.76 -13.02 -20.53
C LYS A 93 13.00 -12.52 -19.31
N PHE A 94 12.07 -11.58 -19.55
CA PHE A 94 11.13 -11.21 -18.51
C PHE A 94 10.25 -12.40 -18.19
N LYS A 95 10.14 -12.75 -16.90
CA LYS A 95 9.30 -13.86 -16.50
C LYS A 95 8.91 -13.66 -15.05
N PRO A 96 7.81 -14.27 -14.60
CA PRO A 96 7.43 -14.17 -13.19
C PRO A 96 8.53 -14.65 -12.26
N ASP A 97 8.63 -14.00 -11.11
CA ASP A 97 9.56 -14.43 -10.08
C ASP A 97 9.06 -15.72 -9.46
N PRO A 98 9.77 -16.84 -9.57
CA PRO A 98 9.25 -18.10 -9.02
C PRO A 98 9.20 -18.13 -7.50
N ASN A 99 9.75 -17.12 -6.82
CA ASN A 99 9.65 -17.03 -5.37
C ASN A 99 8.39 -16.34 -4.91
N ILE A 100 7.64 -15.72 -5.82
CA ILE A 100 6.43 -14.97 -5.48
C ILE A 100 5.22 -15.91 -5.60
N PRO A 101 4.27 -15.88 -4.67
CA PRO A 101 3.04 -16.64 -4.86
C PRO A 101 2.36 -16.21 -6.16
N PRO A 102 1.95 -17.16 -7.01
CA PRO A 102 1.33 -16.76 -8.28
C PRO A 102 0.10 -15.87 -8.11
N THR A 103 -0.63 -16.02 -7.00
CA THR A 103 -1.82 -15.20 -6.79
C THR A 103 -1.46 -13.71 -6.75
N PHE A 104 -0.23 -13.38 -6.35
CA PHE A 104 0.21 -12.01 -6.19
C PHE A 104 1.25 -11.59 -7.23
N SER A 105 1.54 -12.46 -8.19
CA SER A 105 2.58 -12.18 -9.17
C SER A 105 2.01 -11.46 -10.38
N ALA A 106 2.83 -10.62 -11.00
CA ALA A 106 2.53 -10.06 -12.29
C ALA A 106 2.96 -11.03 -13.39
N PHE A 107 2.45 -10.80 -14.60
CA PHE A 107 2.73 -11.67 -15.72
C PHE A 107 2.91 -10.84 -16.98
N ASN A 108 3.72 -11.36 -17.91
CA ASN A 108 4.00 -10.64 -19.15
C ASN A 108 2.71 -10.28 -19.88
N GLU A 109 1.66 -11.08 -19.72
CA GLU A 109 0.38 -10.75 -20.33
C GLU A 109 -0.17 -9.43 -19.81
N ASP A 110 0.17 -9.07 -18.57
CA ASP A 110 -0.28 -7.79 -18.02
C ASP A 110 0.38 -6.62 -18.73
N TYR A 111 1.64 -6.78 -19.16
CA TYR A 111 2.42 -5.67 -19.72
C TYR A 111 2.25 -5.53 -21.23
N VAL A 112 2.32 -6.65 -21.97
CA VAL A 112 2.31 -6.57 -23.42
C VAL A 112 0.96 -6.03 -23.89
N GLY A 113 1.01 -5.09 -24.84
CA GLY A 113 -0.19 -4.44 -25.33
C GLY A 113 -0.78 -3.42 -24.40
N SER A 114 -0.18 -3.18 -23.24
CA SER A 114 -0.72 -2.25 -22.25
C SER A 114 -0.37 -0.80 -22.54
N GLY A 115 0.52 -0.54 -23.49
CA GLY A 115 1.04 0.80 -23.69
C GLY A 115 2.14 1.20 -22.72
N TRP A 116 2.54 0.31 -21.82
CA TRP A 116 3.60 0.58 -20.86
C TRP A 116 4.69 -0.47 -21.00
N SER A 117 5.93 -0.04 -20.75
CA SER A 117 7.08 -0.91 -20.88
C SER A 117 7.41 -1.56 -19.54
N ARG A 118 8.14 -2.67 -19.62
CA ARG A 118 8.64 -3.34 -18.42
C ARG A 118 9.93 -2.65 -17.98
N GLY A 119 9.86 -1.95 -16.86
CA GLY A 119 10.99 -1.19 -16.37
C GLY A 119 11.64 -1.81 -15.15
N ALA A 120 12.91 -2.18 -15.27
CA ALA A 120 13.63 -2.77 -14.15
C ALA A 120 14.06 -1.69 -13.17
N MET A 121 14.01 -2.03 -11.88
CA MET A 121 14.51 -1.15 -10.83
C MET A 121 16.00 -1.40 -10.58
N ALA A 122 16.37 -2.63 -10.30
CA ALA A 122 17.79 -3.02 -10.31
C ALA A 122 18.19 -3.24 -11.75
N PRO A 123 19.00 -2.35 -12.35
CA PRO A 123 19.27 -2.47 -13.79
C PRO A 123 20.08 -3.71 -14.13
N ALA A 124 19.76 -4.30 -15.28
CA ALA A 124 20.59 -5.39 -15.80
C ALA A 124 22.01 -4.93 -16.05
N GLY A 125 22.20 -3.64 -16.39
CA GLY A 125 23.52 -3.12 -16.67
C GLY A 125 24.45 -3.12 -15.47
N ASN A 126 23.89 -3.25 -14.26
CA ASN A 126 24.69 -3.32 -13.05
C ASN A 126 25.15 -4.73 -12.74
N ASN A 127 24.89 -5.69 -13.63
CA ASN A 127 25.18 -7.10 -13.35
C ASN A 127 25.77 -7.78 -14.58
N LYS A 128 26.64 -7.07 -15.30
CA LYS A 128 27.37 -7.70 -16.39
C LYS A 128 28.33 -8.78 -15.89
N PHE A 129 28.67 -8.75 -14.59
CA PHE A 129 29.62 -9.69 -14.02
C PHE A 129 29.02 -11.07 -13.76
N SER A 130 27.71 -11.23 -13.79
CA SER A 130 27.07 -12.50 -13.45
C SER A 130 25.83 -12.69 -14.30
N SER A 131 25.82 -13.75 -15.10
CA SER A 131 24.62 -14.08 -15.88
C SER A 131 23.44 -14.41 -14.98
N LYS A 132 23.71 -15.00 -13.82
CA LYS A 132 22.63 -15.33 -12.88
C LYS A 132 22.02 -14.07 -12.30
N ALA A 133 22.86 -13.15 -11.80
CA ALA A 133 22.36 -11.91 -11.24
C ALA A 133 21.56 -11.11 -12.26
N MET A 134 22.06 -11.04 -13.50
CA MET A 134 21.34 -10.30 -14.53
C MET A 134 19.98 -10.92 -14.82
N ALA A 135 19.92 -12.25 -14.90
CA ALA A 135 18.64 -12.91 -15.17
C ALA A 135 17.63 -12.61 -14.07
N GLU A 136 18.09 -12.51 -12.82
CA GLU A 136 17.19 -12.22 -11.72
C GLU A 136 16.64 -10.80 -11.80
N THR A 137 17.38 -9.87 -12.41
CA THR A 137 16.84 -8.53 -12.62
C THR A 137 15.70 -8.52 -13.63
N PHE A 138 15.48 -9.62 -14.33
CA PHE A 138 14.35 -9.75 -15.26
C PHE A 138 13.15 -10.46 -14.65
N TYR A 139 13.24 -10.88 -13.39
CA TYR A 139 12.04 -11.31 -12.68
C TYR A 139 11.07 -10.14 -12.57
N LEU A 140 9.79 -10.43 -12.79
CA LEU A 140 8.79 -9.35 -12.74
C LEU A 140 8.67 -8.75 -11.35
N SER A 141 9.24 -9.38 -10.33
CA SER A 141 9.29 -8.77 -9.00
C SER A 141 10.17 -7.53 -8.98
N ASN A 142 11.00 -7.33 -9.99
CA ASN A 142 11.88 -6.17 -10.11
C ASN A 142 11.37 -5.18 -11.15
N ILE A 143 10.14 -5.37 -11.65
CA ILE A 143 9.62 -4.63 -12.79
C ILE A 143 8.42 -3.80 -12.37
N VAL A 144 8.31 -2.61 -12.95
CA VAL A 144 7.14 -1.75 -12.79
C VAL A 144 6.72 -1.26 -14.18
N PRO A 145 5.44 -0.92 -14.39
CA PRO A 145 5.05 -0.31 -15.66
C PRO A 145 5.68 1.07 -15.82
N GLN A 146 6.49 1.23 -16.86
CA GLN A 146 7.27 2.45 -17.05
C GLN A 146 7.05 3.01 -18.45
N ASP A 147 7.03 4.33 -18.54
CA ASP A 147 6.93 5.00 -19.84
C ASP A 147 8.10 4.61 -20.72
N PHE A 148 7.80 4.26 -21.98
CA PHE A 148 8.83 3.78 -22.90
C PHE A 148 9.98 4.78 -23.01
N ASP A 149 9.67 6.04 -23.32
CA ASP A 149 10.72 7.04 -23.46
C ASP A 149 11.48 7.21 -22.15
N ASN A 150 10.77 7.30 -21.03
CA ASN A 150 11.44 7.44 -19.74
C ASN A 150 12.39 6.28 -19.49
N ASN A 151 11.92 5.05 -19.72
CA ASN A 151 12.72 3.87 -19.44
C ASN A 151 14.01 3.86 -20.26
N SER A 152 13.89 4.14 -21.57
CA SER A 152 15.05 4.13 -22.45
C SER A 152 15.81 5.45 -22.45
N GLY A 153 15.27 6.50 -21.84
CA GLY A 153 15.89 7.81 -21.90
C GLY A 153 16.39 8.32 -20.57
N TYR A 154 15.61 9.23 -19.95
CA TYR A 154 16.08 9.92 -18.76
C TYR A 154 16.43 8.94 -17.64
N TRP A 155 15.55 7.98 -17.38
CA TRP A 155 15.83 7.00 -16.33
C TRP A 155 17.04 6.15 -16.68
N ASN A 156 17.19 5.81 -17.97
CA ASN A 156 18.38 5.10 -18.41
C ASN A 156 19.65 5.91 -18.13
N ARG A 157 19.60 7.22 -18.36
CA ARG A 157 20.76 8.06 -18.10
CA ARG A 157 20.76 8.06 -18.10
C ARG A 157 21.06 8.14 -16.60
N ILE A 158 20.02 8.14 -15.77
CA ILE A 158 20.24 8.13 -14.33
C ILE A 158 21.00 6.88 -13.92
N GLU A 159 20.59 5.73 -14.47
CA GLU A 159 21.30 4.48 -14.17
C GLU A 159 22.74 4.56 -14.63
N MET A 160 22.98 5.18 -15.80
CA MET A 160 24.34 5.34 -16.28
C MET A 160 25.16 6.21 -15.32
N TYR A 161 24.56 7.28 -14.81
CA TYR A 161 25.27 8.11 -13.83
C TYR A 161 25.61 7.31 -12.58
N CYS A 162 24.67 6.50 -12.09
CA CYS A 162 24.94 5.68 -10.92
C CYS A 162 26.15 4.79 -11.15
N ARG A 163 26.26 4.19 -12.34
CA ARG A 163 27.45 3.41 -12.67
C ARG A 163 28.67 4.31 -12.82
N GLU A 164 28.49 5.53 -13.33
CA GLU A 164 29.62 6.45 -13.43
C GLU A 164 30.22 6.75 -12.06
N LEU A 165 29.40 6.73 -11.01
CA LEU A 165 29.90 7.02 -9.67
C LEU A 165 30.92 6.00 -9.18
N THR A 166 30.94 4.80 -9.76
CA THR A 166 31.93 3.80 -9.36
C THR A 166 33.34 4.19 -9.78
N GLU A 167 33.48 5.08 -10.75
CA GLU A 167 34.81 5.57 -11.12
C GLU A 167 35.39 6.52 -10.07
N ARG A 168 34.54 7.12 -9.24
CA ARG A 168 34.98 8.07 -8.23
C ARG A 168 34.65 7.66 -6.81
N PHE A 169 33.90 6.58 -6.62
CA PHE A 169 33.61 6.04 -5.30
C PHE A 169 33.80 4.53 -5.33
N GLU A 170 34.33 3.99 -4.23
CA GLU A 170 34.55 2.54 -4.17
C GLU A 170 33.24 1.78 -4.04
N ASP A 171 32.29 2.33 -3.30
CA ASP A 171 31.03 1.64 -3.01
C ASP A 171 29.87 2.58 -3.29
N VAL A 172 28.86 2.07 -3.99
CA VAL A 172 27.66 2.83 -4.33
C VAL A 172 26.45 1.97 -4.01
N TRP A 173 25.58 2.47 -3.12
CA TRP A 173 24.32 1.83 -2.80
C TRP A 173 23.18 2.60 -3.43
N VAL A 174 22.18 1.88 -3.93
CA VAL A 174 21.06 2.47 -4.64
C VAL A 174 19.78 1.77 -4.21
N VAL A 175 18.75 2.56 -3.88
CA VAL A 175 17.41 2.05 -3.64
C VAL A 175 16.48 2.69 -4.65
N SER A 176 15.73 1.87 -5.37
CA SER A 176 14.82 2.36 -6.40
C SER A 176 13.45 1.72 -6.20
N GLY A 177 12.41 2.45 -6.58
CA GLY A 177 11.06 1.95 -6.45
C GLY A 177 10.01 2.88 -7.03
N PRO A 178 8.76 2.41 -7.05
CA PRO A 178 7.67 3.22 -7.59
C PRO A 178 6.95 4.04 -6.52
N LEU A 179 6.28 5.09 -6.99
CA LEU A 179 5.47 5.95 -6.14
C LEU A 179 4.16 6.26 -6.85
N THR A 180 3.10 6.37 -6.06
CA THR A 180 1.79 6.83 -6.51
C THR A 180 1.44 8.04 -5.64
N LEU A 181 1.78 9.23 -6.14
CA LEU A 181 1.71 10.46 -5.36
C LEU A 181 0.40 11.20 -5.63
N PRO A 182 -0.07 11.98 -4.66
CA PRO A 182 -1.30 12.74 -4.86
C PRO A 182 -1.07 14.00 -5.68
N GLN A 183 -2.16 14.49 -6.25
CA GLN A 183 -2.15 15.73 -7.03
CA GLN A 183 -2.16 15.72 -7.04
C GLN A 183 -3.24 16.64 -6.50
N THR A 184 -2.88 17.90 -6.27
CA THR A 184 -3.83 18.88 -5.75
C THR A 184 -4.60 19.48 -6.91
N ARG A 185 -5.92 19.30 -6.92
CA ARG A 185 -6.75 19.89 -7.95
C ARG A 185 -6.89 21.40 -7.71
N GLY A 186 -7.40 22.09 -8.74
CA GLY A 186 -7.60 23.52 -8.63
C GLY A 186 -8.59 23.92 -7.55
N ASP A 187 -9.50 23.02 -7.17
CA ASP A 187 -10.48 23.31 -6.13
C ASP A 187 -10.01 22.92 -4.73
N GLY A 188 -8.76 22.46 -4.59
CA GLY A 188 -8.17 22.18 -3.30
C GLY A 188 -8.12 20.70 -2.93
N LYS A 189 -9.01 19.88 -3.47
CA LYS A 189 -9.03 18.47 -3.12
C LYS A 189 -7.78 17.77 -3.63
N LYS A 190 -7.21 16.91 -2.80
CA LYS A 190 -6.02 16.15 -3.13
C LYS A 190 -6.41 14.70 -3.43
N ILE A 191 -5.91 14.16 -4.53
CA ILE A 191 -6.34 12.87 -5.02
C ILE A 191 -5.13 12.08 -5.51
N VAL A 192 -5.10 10.80 -5.19
CA VAL A 192 -4.15 9.84 -5.76
C VAL A 192 -4.88 9.09 -6.85
N SER A 193 -4.35 9.15 -8.08
CA SER A 193 -4.99 8.52 -9.22
C SER A 193 -3.93 7.84 -10.07
N TYR A 194 -4.07 6.53 -10.27
CA TYR A 194 -3.13 5.78 -11.10
C TYR A 194 -3.87 4.67 -11.82
N GLN A 195 -3.30 4.26 -12.95
CA GLN A 195 -3.87 3.20 -13.77
C GLN A 195 -3.35 1.84 -13.32
N VAL A 196 -4.20 0.83 -13.49
CA VAL A 196 -3.83 -0.57 -13.29
C VAL A 196 -4.02 -1.30 -14.61
N ILE A 197 -3.06 -2.15 -14.97
CA ILE A 197 -3.02 -2.78 -16.28
C ILE A 197 -3.08 -4.29 -16.12
N GLY A 198 -3.71 -4.94 -17.11
CA GLY A 198 -3.76 -6.38 -17.16
C GLY A 198 -4.82 -6.96 -16.23
N GLU A 199 -5.12 -8.24 -16.45
CA GLU A 199 -6.07 -8.93 -15.59
C GLU A 199 -5.66 -8.90 -14.13
N ASP A 200 -4.37 -8.75 -13.85
CA ASP A 200 -3.87 -8.75 -12.48
C ASP A 200 -3.76 -7.35 -11.89
N ASN A 201 -4.17 -6.32 -12.62
CA ASN A 201 -4.20 -4.95 -12.13
C ASN A 201 -2.84 -4.54 -11.55
N VAL A 202 -1.83 -4.53 -12.42
CA VAL A 202 -0.51 -4.07 -12.03
C VAL A 202 -0.53 -2.55 -11.96
N ALA A 203 -0.13 -2.01 -10.81
CA ALA A 203 -0.16 -0.56 -10.61
C ALA A 203 0.86 0.14 -11.49
N VAL A 204 0.42 1.17 -12.21
CA VAL A 204 1.30 2.02 -13.00
C VAL A 204 1.69 3.20 -12.13
N PRO A 205 2.95 3.33 -11.70
CA PRO A 205 3.30 4.44 -10.81
C PRO A 205 3.27 5.78 -11.51
N SER A 206 2.98 6.82 -10.73
CA SER A 206 3.06 8.18 -11.25
C SER A 206 4.50 8.68 -11.27
N HIS A 207 5.31 8.23 -10.33
CA HIS A 207 6.68 8.69 -10.21
C HIS A 207 7.57 7.51 -9.84
N LEU A 208 8.87 7.66 -10.12
CA LEU A 208 9.89 6.73 -9.69
C LEU A 208 10.88 7.47 -8.81
N TYR A 209 11.45 6.77 -7.84
CA TYR A 209 12.43 7.35 -6.94
C TYR A 209 13.71 6.55 -7.00
N LYS A 210 14.81 7.22 -6.63
CA LYS A 210 16.10 6.57 -6.48
C LYS A 210 16.86 7.29 -5.38
N VAL A 211 17.42 6.53 -4.45
CA VAL A 211 18.23 7.06 -3.36
C VAL A 211 19.63 6.52 -3.54
N ILE A 212 20.62 7.42 -3.65
CA ILE A 212 22.00 7.05 -3.95
C ILE A 212 22.85 7.36 -2.74
N LEU A 213 23.57 6.35 -2.25
CA LEU A 213 24.52 6.49 -1.16
C LEU A 213 25.87 6.01 -1.64
N ALA A 214 26.91 6.82 -1.43
CA ALA A 214 28.25 6.51 -1.92
C ALA A 214 29.28 6.77 -0.84
N ARG A 215 30.25 5.85 -0.73
CA ARG A 215 31.38 5.97 0.17
C ARG A 215 32.65 5.97 -0.65
N ARG A 216 33.51 6.98 -0.44
CA ARG A 216 34.73 7.10 -1.23
C ARG A 216 35.55 5.82 -1.16
N SER A 217 35.77 5.31 0.05
CA SER A 217 36.46 4.04 0.23
C SER A 217 36.32 3.64 1.69
N SER A 218 36.45 2.33 1.94
CA SER A 218 36.42 1.83 3.30
C SER A 218 37.57 2.39 4.14
N VAL A 219 38.63 2.87 3.48
CA VAL A 219 39.79 3.39 4.20
C VAL A 219 39.58 4.85 4.57
N SER A 220 38.99 5.63 3.69
CA SER A 220 38.90 7.07 3.88
C SER A 220 37.96 7.42 5.03
N THR A 221 38.09 8.66 5.51
CA THR A 221 37.20 9.21 6.52
C THR A 221 36.35 10.35 5.96
N GLU A 222 36.30 10.48 4.63
CA GLU A 222 35.42 11.47 4.04
C GLU A 222 33.97 11.15 4.39
N PRO A 223 33.12 12.15 4.62
CA PRO A 223 31.70 11.87 4.86
C PRO A 223 31.08 11.19 3.64
N LEU A 224 30.00 10.46 3.90
CA LEU A 224 29.27 9.81 2.82
C LEU A 224 28.48 10.84 2.02
N ALA A 225 28.23 10.52 0.75
CA ALA A 225 27.43 11.34 -0.14
C ALA A 225 26.09 10.67 -0.36
N LEU A 226 25.00 11.42 -0.22
CA LEU A 226 23.67 10.89 -0.39
C LEU A 226 22.85 11.83 -1.26
N GLY A 227 21.92 11.24 -2.02
CA GLY A 227 20.99 12.00 -2.83
C GLY A 227 19.70 11.24 -3.06
N ALA A 228 18.57 11.94 -2.98
CA ALA A 228 17.26 11.37 -3.23
C ALA A 228 16.59 12.11 -4.38
N PHE A 229 16.00 11.35 -5.30
CA PHE A 229 15.44 11.92 -6.51
C PHE A 229 14.09 11.28 -6.81
N VAL A 230 13.14 12.11 -7.23
CA VAL A 230 11.80 11.67 -7.61
C VAL A 230 11.55 12.15 -9.02
N VAL A 231 11.24 11.22 -9.92
CA VAL A 231 11.12 11.50 -11.34
C VAL A 231 9.72 11.08 -11.78
N PRO A 232 8.99 11.92 -12.53
CA PRO A 232 7.67 11.50 -13.00
C PRO A 232 7.77 10.44 -14.09
N ASN A 233 6.83 9.49 -14.05
CA ASN A 233 6.82 8.36 -14.98
C ASN A 233 6.28 8.83 -16.34
N GLU A 234 7.11 9.61 -17.03
CA GLU A 234 6.73 10.23 -18.29
C GLU A 234 7.99 10.56 -19.07
N ALA A 235 7.80 10.94 -20.33
CA ALA A 235 8.91 11.41 -21.16
C ALA A 235 9.39 12.76 -20.64
N ILE A 236 10.72 12.92 -20.61
CA ILE A 236 11.33 14.07 -19.97
C ILE A 236 12.17 14.85 -20.97
N GLY A 237 13.21 14.23 -21.50
CA GLY A 237 14.09 14.90 -22.44
C GLY A 237 15.42 15.29 -21.82
N PHE A 238 16.07 16.25 -22.49
CA PHE A 238 17.41 16.67 -22.09
C PHE A 238 17.47 18.03 -21.42
N GLN A 239 16.44 18.86 -21.58
CA GLN A 239 16.42 20.16 -20.90
C GLN A 239 16.63 20.03 -19.40
N PRO A 240 15.89 19.20 -18.66
CA PRO A 240 15.99 19.22 -17.20
C PRO A 240 17.29 18.62 -16.69
N GLN A 241 17.85 19.25 -15.67
CA GLN A 241 18.99 18.71 -14.94
C GLN A 241 18.52 17.80 -13.83
N LEU A 242 19.37 16.83 -13.47
CA LEU A 242 18.99 15.87 -12.45
C LEU A 242 18.68 16.53 -11.12
N THR A 243 19.38 17.63 -10.79
CA THR A 243 19.12 18.33 -9.53
C THR A 243 17.70 18.89 -9.47
N GLU A 244 17.07 19.13 -10.62
CA GLU A 244 15.70 19.62 -10.62
C GLU A 244 14.72 18.59 -10.05
N PHE A 245 15.11 17.32 -10.01
CA PHE A 245 14.27 16.27 -9.44
C PHE A 245 14.74 15.84 -8.07
N GLN A 246 15.73 16.51 -7.51
CA GLN A 246 16.23 16.14 -6.19
C GLN A 246 15.25 16.57 -5.10
N VAL A 247 15.20 15.78 -4.03
CA VAL A 247 14.32 16.04 -2.91
C VAL A 247 15.06 15.72 -1.61
N SER A 248 14.54 16.24 -0.51
CA SER A 248 15.03 15.87 0.80
C SER A 248 14.71 14.40 1.08
N LEU A 249 15.65 13.70 1.70
CA LEU A 249 15.39 12.33 2.11
C LEU A 249 14.15 12.26 3.00
N GLN A 250 14.02 13.22 3.92
CA GLN A 250 12.85 13.27 4.79
C GLN A 250 11.57 13.31 3.98
N ASP A 251 11.52 14.15 2.94
CA ASP A 251 10.31 14.28 2.15
C ASP A 251 10.01 12.99 1.39
N LEU A 252 11.03 12.36 0.82
CA LEU A 252 10.80 11.10 0.12
C LEU A 252 10.29 10.02 1.06
N GLU A 253 10.83 9.98 2.28
CA GLU A 253 10.37 9.00 3.26
C GLU A 253 8.92 9.24 3.64
N LYS A 254 8.51 10.51 3.74
CA LYS A 254 7.12 10.81 4.03
C LYS A 254 6.21 10.50 2.85
N LEU A 255 6.71 10.69 1.62
CA LEU A 255 5.89 10.38 0.45
C LEU A 255 5.74 8.87 0.28
N SER A 256 6.81 8.11 0.52
CA SER A 256 6.82 6.68 0.24
C SER A 256 6.38 5.83 1.43
N GLY A 257 6.45 6.37 2.64
CA GLY A 257 6.21 5.57 3.83
C GLY A 257 7.35 4.65 4.20
N LEU A 258 8.53 4.86 3.63
CA LEU A 258 9.69 4.01 3.88
C LEU A 258 10.74 4.78 4.68
N VAL A 259 11.61 4.02 5.33
CA VAL A 259 12.81 4.57 5.98
C VAL A 259 14.00 3.89 5.33
N PHE A 260 14.81 4.67 4.61
CA PHE A 260 15.94 4.14 3.88
C PHE A 260 17.19 4.16 4.74
N PHE A 261 18.05 3.16 4.52
CA PHE A 261 19.34 3.06 5.20
C PHE A 261 19.20 3.33 6.70
N PRO A 262 18.45 2.50 7.42
CA PRO A 262 18.16 2.81 8.83
C PRO A 262 19.38 2.84 9.73
N HIS A 263 20.45 2.11 9.38
CA HIS A 263 21.66 2.13 10.20
C HIS A 263 22.52 3.36 9.95
N LEU A 264 22.18 4.18 8.97
CA LEU A 264 22.90 5.42 8.73
C LEU A 264 22.59 6.40 9.86
N ASP A 265 23.64 6.91 10.51
CA ASP A 265 23.47 7.88 11.58
C ASP A 265 23.07 9.23 11.00
N ARG A 266 21.87 9.69 11.32
CA ARG A 266 21.33 10.90 10.72
C ARG A 266 21.98 12.17 11.28
N THR A 267 22.45 12.12 12.54
CA THR A 267 23.15 13.26 13.11
C THR A 267 24.58 13.36 12.60
N SER A 268 25.11 12.30 11.98
CA SER A 268 26.45 12.33 11.43
C SER A 268 26.53 13.29 10.26
N ASP A 269 27.76 13.54 9.81
CA ASP A 269 28.01 14.41 8.66
C ASP A 269 27.78 13.63 7.38
N ILE A 270 26.78 14.03 6.61
CA ILE A 270 26.44 13.39 5.34
C ILE A 270 26.25 14.49 4.31
N ARG A 271 26.93 14.37 3.17
CA ARG A 271 27.00 15.45 2.20
C ARG A 271 26.04 15.21 1.03
N ASN A 272 25.59 16.32 0.45
CA ASN A 272 24.77 16.27 -0.74
C ASN A 272 25.61 15.78 -1.92
N ILE A 273 25.21 14.64 -2.51
CA ILE A 273 26.02 14.04 -3.57
C ILE A 273 26.10 14.96 -4.79
N CYS A 274 25.11 15.83 -4.97
CA CYS A 274 25.17 16.79 -6.07
C CYS A 274 26.08 17.97 -5.77
N SER A 275 26.59 18.08 -4.55
CA SER A 275 27.66 19.04 -4.24
C SER A 275 29.02 18.38 -4.32
N VAL A 276 29.20 17.26 -3.63
CA VAL A 276 30.46 16.51 -3.71
C VAL A 276 30.72 16.08 -5.15
N ASP A 277 29.70 15.51 -5.82
CA ASP A 277 29.82 15.07 -7.19
C ASP A 277 29.08 16.04 -8.11
N THR A 278 28.72 15.57 -9.30
CA THR A 278 28.22 16.44 -10.37
C THR A 278 26.72 16.36 -10.58
N CYS A 279 26.14 15.16 -10.48
CA CYS A 279 24.73 14.94 -10.81
C CYS A 279 24.43 15.43 -12.22
N LYS A 280 25.40 15.26 -13.13
CA LYS A 280 25.24 15.65 -14.52
C LYS A 280 25.04 14.41 -15.38
N LEU A 281 23.89 14.33 -16.04
CA LEU A 281 23.59 13.23 -16.93
C LEU A 281 24.17 13.51 -18.31
N LEU A 282 24.37 12.43 -19.08
CA LEU A 282 24.84 12.57 -20.44
C LEU A 282 23.92 13.50 -21.22
N ASP A 283 24.51 14.38 -22.01
CA ASP A 283 23.75 15.29 -22.85
C ASP A 283 23.40 14.60 -24.17
N PHE A 284 22.63 15.31 -25.00
CA PHE A 284 22.14 14.74 -26.26
C PHE A 284 23.28 14.16 -27.09
N GLN A 285 24.34 14.95 -27.29
CA GLN A 285 25.43 14.51 -28.16
C GLN A 285 26.08 13.23 -27.62
N GLU A 286 26.41 13.22 -26.33
CA GLU A 286 27.08 12.06 -25.75
C GLU A 286 26.18 10.83 -25.77
N PHE A 287 24.91 11.01 -25.36
CA PHE A 287 23.98 9.89 -25.32
C PHE A 287 23.76 9.30 -26.70
N THR A 288 23.49 10.15 -27.69
CA THR A 288 23.21 9.67 -29.03
C THR A 288 24.42 8.95 -29.62
N LEU A 289 25.62 9.45 -29.37
CA LEU A 289 26.81 8.82 -29.92
C LEU A 289 26.98 7.41 -29.38
N TYR A 290 26.76 7.22 -28.08
CA TYR A 290 26.88 5.88 -27.51
C TYR A 290 25.82 4.94 -28.08
N LEU A 291 24.58 5.41 -28.19
CA LEU A 291 23.52 4.59 -28.78
C LEU A 291 23.86 4.22 -30.21
N SER A 292 24.33 5.20 -31.01
CA SER A 292 24.72 4.91 -32.39
C SER A 292 25.87 3.92 -32.43
N THR A 293 26.83 4.04 -31.52
CA THR A 293 27.94 3.11 -31.46
C THR A 293 27.45 1.69 -31.17
N ARG A 294 26.57 1.55 -30.17
CA ARG A 294 26.10 0.23 -29.79
C ARG A 294 25.28 -0.40 -30.90
N LYS A 295 24.49 0.40 -31.62
CA LYS A 295 23.61 -0.15 -32.65
C LYS A 295 24.37 -0.70 -33.84
N ILE A 296 25.67 -0.42 -33.97
CA ILE A 296 26.47 -1.04 -35.01
C ILE A 296 26.44 -2.56 -34.85
N GLU A 297 26.61 -3.03 -33.61
CA GLU A 297 26.68 -4.46 -33.34
C GLU A 297 25.49 -5.21 -33.94
N GLY A 298 24.33 -4.55 -34.04
CA GLY A 298 23.12 -5.23 -34.47
C GLY A 298 22.68 -4.88 -35.89
N ALA A 299 23.58 -4.31 -36.68
CA ALA A 299 23.27 -3.96 -38.06
C ALA A 299 23.49 -5.18 -38.95
N ARG A 300 22.45 -5.59 -39.66
CA ARG A 300 22.49 -6.76 -40.53
C ARG A 300 22.28 -6.37 -41.98
N SER A 301 22.88 -5.25 -42.38
CA SER A 301 22.92 -4.81 -43.77
C SER A 301 23.75 -3.55 -43.88
N VAL A 302 24.52 -3.40 -44.96
CA VAL A 302 25.27 -2.16 -45.17
C VAL A 302 24.32 -0.97 -45.17
N LEU A 303 23.10 -1.15 -45.65
CA LEU A 303 22.14 -0.05 -45.70
C LEU A 303 21.81 0.45 -44.30
N ARG A 304 21.25 -0.41 -43.45
CA ARG A 304 20.93 -0.01 -42.09
C ARG A 304 22.18 0.38 -41.31
N LEU A 305 23.35 -0.14 -41.69
CA LEU A 305 24.60 0.32 -41.09
C LEU A 305 24.91 1.75 -41.52
N GLU A 306 24.82 2.03 -42.82
CA GLU A 306 25.05 3.38 -43.31
C GLU A 306 24.01 4.35 -42.77
N LYS A 307 22.81 3.87 -42.47
CA LYS A 307 21.78 4.75 -41.92
C LYS A 307 22.15 5.23 -40.52
N ILE A 308 22.81 4.38 -39.73
CA ILE A 308 23.33 4.82 -38.44
C ILE A 308 24.24 6.03 -38.63
N MET A 309 25.19 5.91 -39.56
CA MET A 309 26.09 7.03 -39.86
C MET A 309 25.30 8.28 -40.22
N GLU A 310 24.37 8.16 -41.17
CA GLU A 310 23.64 9.31 -41.65
C GLU A 310 22.82 9.95 -40.54
N ASN A 311 22.09 9.12 -39.78
CA ASN A 311 21.34 9.63 -38.65
C ASN A 311 22.24 10.43 -37.71
N LEU A 312 23.44 9.90 -37.44
CA LEU A 312 24.40 10.61 -36.61
C LEU A 312 24.79 11.94 -37.25
N LYS A 313 24.92 11.96 -38.58
CA LYS A 313 25.28 13.20 -39.26
C LYS A 313 24.15 14.22 -39.20
N ASN A 314 22.92 13.79 -39.43
CA ASN A 314 21.78 14.71 -39.39
C ASN A 314 21.68 15.40 -38.04
N ALA A 315 22.04 14.71 -36.97
CA ALA A 315 22.01 15.30 -35.63
C ALA A 315 23.21 16.22 -35.37
N GLU A 316 24.06 16.46 -36.37
CA GLU A 316 25.22 17.34 -36.26
C GLU A 316 26.29 16.79 -35.33
N ILE A 317 26.22 15.52 -34.95
CA ILE A 317 27.20 14.93 -34.05
C ILE A 317 28.40 14.47 -34.86
N GLU A 318 29.60 14.74 -34.34
CA GLU A 318 30.81 14.24 -34.98
C GLU A 318 31.17 12.88 -34.39
N PRO A 319 31.37 11.86 -35.21
CA PRO A 319 31.72 10.54 -34.66
C PRO A 319 33.16 10.49 -34.18
N ASP A 320 33.37 9.73 -33.11
CA ASP A 320 34.69 9.56 -32.52
C ASP A 320 35.38 8.35 -33.13
N ASP A 321 36.63 8.11 -32.69
CA ASP A 321 37.41 7.01 -33.25
C ASP A 321 36.82 5.67 -32.88
N TYR A 322 36.34 5.52 -31.63
CA TYR A 322 35.75 4.26 -31.21
C TYR A 322 34.57 3.89 -32.09
N PHE A 323 33.79 4.88 -32.53
CA PHE A 323 32.67 4.62 -33.42
C PHE A 323 33.15 4.19 -34.80
N MET A 324 34.15 4.90 -35.34
CA MET A 324 34.64 4.58 -36.68
C MET A 324 35.30 3.21 -36.73
N SER A 325 36.15 2.91 -35.75
CA SER A 325 36.84 1.62 -35.73
C SER A 325 35.85 0.47 -35.82
N ARG A 326 34.77 0.53 -35.04
CA ARG A 326 33.74 -0.49 -35.11
C ARG A 326 32.91 -0.36 -36.38
N TYR A 327 32.79 0.86 -36.92
CA TYR A 327 32.08 1.04 -38.17
C TYR A 327 32.77 0.29 -39.31
N GLU A 328 34.10 0.29 -39.33
CA GLU A 328 34.83 -0.35 -40.41
C GLU A 328 34.73 -1.88 -40.30
N LYS A 329 34.98 -2.42 -39.11
CA LYS A 329 34.95 -3.87 -38.94
C LYS A 329 33.59 -4.43 -39.35
N LYS A 330 32.51 -3.80 -38.91
CA LYS A 330 31.18 -4.25 -39.31
C LYS A 330 30.91 -3.95 -40.78
N LEU A 331 31.54 -2.91 -41.33
CA LEU A 331 31.44 -2.66 -42.76
C LEU A 331 32.21 -3.72 -43.55
N GLU A 332 33.46 -3.98 -43.14
CA GLU A 332 34.25 -5.04 -43.77
C GLU A 332 33.59 -6.40 -43.59
N GLU A 333 33.21 -6.72 -42.35
CA GLU A 333 32.52 -7.98 -42.09
C GLU A 333 31.34 -8.17 -43.03
N LEU A 334 30.62 -7.10 -43.34
CA LEU A 334 29.47 -7.19 -44.23
C LEU A 334 29.85 -7.08 -45.70
N LYS A 335 31.03 -6.54 -46.03
CA LYS A 335 31.57 -6.71 -47.37
C LYS A 335 31.70 -8.20 -47.69
N ALA A 336 32.23 -8.98 -46.75
CA ALA A 336 32.52 -10.38 -47.01
C ALA A 336 31.27 -11.16 -47.40
N LYS A 337 30.16 -10.91 -46.70
CA LYS A 337 28.91 -11.61 -46.99
C LYS A 337 28.09 -10.85 -48.01
N ALA F 37 29.04 -13.39 2.14
CA ALA F 37 29.82 -12.24 2.56
C ALA F 37 29.46 -11.01 1.74
N GLU F 38 29.14 -11.22 0.46
CA GLU F 38 28.67 -10.13 -0.38
C GLU F 38 27.30 -9.62 0.06
N LYS F 39 26.56 -10.42 0.84
CA LYS F 39 25.34 -9.90 1.46
C LYS F 39 25.64 -8.84 2.50
N ALA F 40 26.76 -8.99 3.21
CA ALA F 40 27.08 -8.07 4.30
C ALA F 40 27.27 -6.65 3.78
N VAL F 41 27.93 -6.49 2.64
CA VAL F 41 28.12 -5.15 2.07
C VAL F 41 26.78 -4.57 1.64
N LEU F 42 25.94 -5.38 0.99
CA LEU F 42 24.63 -4.91 0.55
C LEU F 42 23.81 -4.42 1.74
N GLU F 43 23.80 -5.19 2.82
CA GLU F 43 22.98 -4.93 4.00
C GLU F 43 23.67 -4.01 5.01
N GLN F 44 24.83 -3.46 4.66
CA GLN F 44 25.68 -2.78 5.63
C GLN F 44 24.92 -1.68 6.36
N PHE F 45 24.18 -0.85 5.62
CA PHE F 45 23.40 0.22 6.21
C PHE F 45 21.94 -0.15 6.40
N GLY F 46 21.63 -1.45 6.34
CA GLY F 46 20.28 -1.90 6.60
C GLY F 46 19.36 -1.86 5.41
N PHE F 47 18.45 -2.82 5.31
CA PHE F 47 17.39 -2.74 4.32
C PHE F 47 16.44 -1.60 4.67
N PRO F 48 15.76 -1.03 3.67
CA PRO F 48 14.73 -0.04 3.98
C PRO F 48 13.61 -0.66 4.81
N LEU F 49 13.06 0.13 5.72
CA LEU F 49 12.02 -0.34 6.64
C LEU F 49 10.65 0.03 6.09
N THR F 50 9.74 -0.95 6.10
CA THR F 50 8.37 -0.72 5.64
C THR F 50 7.39 -0.48 6.79
N GLY F 51 7.74 -0.87 8.00
CA GLY F 51 6.88 -0.63 9.15
C GLY F 51 5.58 -1.40 9.12
N THR F 52 5.57 -2.58 8.50
CA THR F 52 4.38 -3.41 8.37
C THR F 52 4.27 -4.48 9.46
N GLU F 53 5.21 -4.54 10.39
CA GLU F 53 5.19 -5.59 11.39
C GLU F 53 3.90 -5.54 12.19
N ALA F 54 3.49 -6.71 12.67
CA ALA F 54 2.27 -6.81 13.48
C ALA F 54 2.47 -6.06 14.79
N ARG F 55 1.49 -5.23 15.14
CA ARG F 55 1.48 -4.49 16.39
C ARG F 55 0.35 -5.02 17.25
N CYS F 56 0.66 -5.35 18.50
CA CYS F 56 -0.28 -6.02 19.39
C CYS F 56 -0.73 -5.08 20.50
N TYR F 57 -2.03 -5.13 20.80
CA TYR F 57 -2.60 -4.33 21.88
C TYR F 57 -3.43 -5.25 22.79
N THR F 58 -4.17 -4.66 23.72
CA THR F 58 -4.81 -5.45 24.76
C THR F 58 -5.74 -6.51 24.16
N ASN F 59 -6.54 -6.14 23.16
CA ASN F 59 -7.48 -7.08 22.57
C ASN F 59 -7.60 -6.88 21.07
N HIS F 60 -6.52 -6.50 20.40
CA HIS F 60 -6.50 -6.45 18.95
C HIS F 60 -5.06 -6.27 18.50
N ALA F 61 -4.79 -6.70 17.27
CA ALA F 61 -3.51 -6.51 16.62
C ALA F 61 -3.74 -5.89 15.24
N LEU F 62 -2.72 -5.24 14.70
CA LEU F 62 -2.87 -4.56 13.43
C LEU F 62 -1.52 -4.42 12.74
N SER F 63 -1.58 -4.26 11.42
CA SER F 63 -0.43 -3.87 10.61
C SER F 63 -0.71 -2.48 10.03
N TYR F 64 0.22 -1.56 10.25
CA TYR F 64 0.03 -0.17 9.88
C TYR F 64 0.58 0.10 8.48
N ASP F 65 -0.08 1.00 7.77
CA ASP F 65 0.32 1.42 6.43
C ASP F 65 0.88 2.83 6.55
N GLN F 66 2.21 2.95 6.59
CA GLN F 66 2.83 4.25 6.85
C GLN F 66 2.63 5.22 5.70
N ALA F 67 2.46 4.71 4.47
CA ALA F 67 2.25 5.59 3.33
C ALA F 67 0.85 6.18 3.32
N LYS F 68 -0.16 5.38 3.65
CA LYS F 68 -1.54 5.83 3.65
C LYS F 68 -2.00 6.37 5.00
N ARG F 69 -1.19 6.21 6.05
CA ARG F 69 -1.55 6.66 7.40
C ARG F 69 -2.83 5.99 7.89
N VAL F 70 -3.05 4.74 7.51
CA VAL F 70 -4.19 3.96 7.97
C VAL F 70 -3.74 2.53 8.25
N PRO F 71 -4.51 1.80 9.04
CA PRO F 71 -4.20 0.37 9.23
C PRO F 71 -4.35 -0.40 7.93
N ARG F 72 -3.49 -1.41 7.78
CA ARG F 72 -3.60 -2.34 6.66
C ARG F 72 -4.60 -3.45 6.98
N TRP F 73 -4.45 -4.06 8.15
CA TRP F 73 -5.44 -5.01 8.66
C TRP F 73 -5.48 -4.87 10.17
N VAL F 74 -6.61 -5.25 10.75
CA VAL F 74 -6.81 -5.20 12.20
C VAL F 74 -7.48 -6.50 12.60
N LEU F 75 -6.81 -7.29 13.43
CA LEU F 75 -7.30 -8.58 13.88
C LEU F 75 -7.83 -8.47 15.30
N GLU F 76 -8.97 -9.09 15.56
CA GLU F 76 -9.54 -9.09 16.89
C GLU F 76 -10.21 -10.44 17.16
N HIS F 77 -10.28 -10.79 18.43
CA HIS F 77 -11.03 -11.95 18.89
C HIS F 77 -12.06 -11.47 19.90
N ILE F 78 -13.32 -11.85 19.69
CA ILE F 78 -14.41 -11.44 20.56
C ILE F 78 -15.07 -12.67 21.12
N SER F 79 -15.44 -12.60 22.40
CA SER F 79 -16.16 -13.66 23.08
C SER F 79 -17.34 -13.04 23.83
N LYS F 80 -18.19 -13.92 24.36
CA LYS F 80 -19.35 -13.48 25.12
C LYS F 80 -18.96 -12.53 26.24
N SER F 81 -17.88 -12.84 26.96
CA SER F 81 -17.50 -12.06 28.13
C SER F 81 -16.85 -10.74 27.77
N LYS F 82 -16.24 -10.64 26.58
CA LYS F 82 -15.53 -9.41 26.22
C LYS F 82 -16.47 -8.27 25.87
N ILE F 83 -17.66 -8.59 25.35
CA ILE F 83 -18.59 -7.56 24.90
C ILE F 83 -19.46 -7.08 26.05
N MET F 84 -19.06 -7.40 27.29
CA MET F 84 -19.77 -6.95 28.48
C MET F 84 -18.77 -6.31 29.43
N GLY F 85 -19.24 -5.31 30.15
CA GLY F 85 -18.40 -4.60 31.10
C GLY F 85 -18.84 -3.15 31.21
N ASP F 86 -18.09 -2.41 32.03
CA ASP F 86 -18.42 -1.03 32.36
C ASP F 86 -17.61 -0.01 31.58
N ALA F 87 -16.79 -0.44 30.63
CA ALA F 87 -16.05 0.51 29.80
C ALA F 87 -17.01 1.32 28.94
N ASP F 88 -16.73 2.61 28.82
CA ASP F 88 -17.64 3.55 28.18
C ASP F 88 -16.88 4.39 27.16
N ARG F 89 -17.39 4.41 25.92
CA ARG F 89 -16.69 5.11 24.85
C ARG F 89 -16.64 6.61 25.10
N LYS F 90 -17.59 7.16 25.87
CA LYS F 90 -17.60 8.58 26.15
C LYS F 90 -16.45 9.00 27.07
N HIS F 91 -15.75 8.05 27.68
CA HIS F 91 -14.54 8.33 28.42
C HIS F 91 -13.29 8.14 27.57
N CYS F 92 -13.44 7.95 26.27
CA CYS F 92 -12.33 7.73 25.36
C CYS F 92 -12.17 8.92 24.42
N LYS F 93 -10.95 9.05 23.87
CA LYS F 93 -10.63 10.16 22.98
C LYS F 93 -9.82 9.63 21.80
N PHE F 94 -10.18 10.05 20.60
CA PHE F 94 -9.35 9.81 19.44
C PHE F 94 -8.03 10.56 19.59
N LYS F 95 -6.92 9.84 19.43
CA LYS F 95 -5.61 10.48 19.49
C LYS F 95 -4.62 9.62 18.72
N PRO F 96 -3.54 10.22 18.19
CA PRO F 96 -2.56 9.41 17.45
C PRO F 96 -1.95 8.34 18.34
N ASP F 97 -1.53 7.25 17.71
CA ASP F 97 -0.94 6.14 18.43
C ASP F 97 0.47 6.52 18.87
N PRO F 98 0.77 6.53 20.18
CA PRO F 98 2.12 6.94 20.61
C PRO F 98 3.22 6.02 20.13
N ASN F 99 2.89 4.81 19.70
CA ASN F 99 3.88 3.86 19.20
C ASN F 99 4.21 4.06 17.73
N ILE F 100 3.49 4.92 17.03
CA ILE F 100 3.72 5.17 15.60
C ILE F 100 4.65 6.36 15.47
N PRO F 101 5.70 6.31 14.65
CA PRO F 101 6.52 7.50 14.41
C PRO F 101 5.66 8.65 13.92
N PRO F 102 5.69 9.80 14.58
CA PRO F 102 4.78 10.88 14.19
C PRO F 102 4.86 11.25 12.73
N THR F 103 6.01 11.05 12.09
CA THR F 103 6.16 11.35 10.67
C THR F 103 5.25 10.49 9.81
N PHE F 104 4.82 9.32 10.30
CA PHE F 104 3.90 8.45 9.56
C PHE F 104 2.54 8.35 10.23
N SER F 105 2.29 9.15 11.26
CA SER F 105 1.04 9.07 12.01
C SER F 105 0.02 10.06 11.49
N ALA F 106 -1.24 9.66 11.55
CA ALA F 106 -2.33 10.58 11.30
C ALA F 106 -2.59 11.42 12.57
N PHE F 107 -3.35 12.50 12.39
CA PHE F 107 -3.70 13.38 13.50
C PHE F 107 -5.14 13.84 13.32
N ASN F 108 -5.78 14.16 14.45
CA ASN F 108 -7.18 14.58 14.41
C ASN F 108 -7.38 15.77 13.46
N GLU F 109 -6.37 16.62 13.33
CA GLU F 109 -6.47 17.74 12.40
C GLU F 109 -6.68 17.27 10.96
N ASP F 110 -6.21 16.06 10.64
CA ASP F 110 -6.46 15.51 9.30
C ASP F 110 -7.92 15.16 9.10
N TYR F 111 -8.61 14.74 10.17
CA TYR F 111 -9.98 14.25 10.07
C TYR F 111 -11.01 15.36 10.30
N VAL F 112 -10.82 16.16 11.34
CA VAL F 112 -11.82 17.17 11.70
C VAL F 112 -11.99 18.16 10.56
N GLY F 113 -13.24 18.34 10.11
CA GLY F 113 -13.55 19.22 9.01
C GLY F 113 -13.33 18.62 7.63
N SER F 114 -12.76 17.41 7.54
CA SER F 114 -12.46 16.82 6.24
C SER F 114 -13.73 16.42 5.48
N GLY F 115 -14.87 16.31 6.16
CA GLY F 115 -16.04 15.71 5.59
C GLY F 115 -16.14 14.21 5.79
N TRP F 116 -15.12 13.60 6.39
CA TRP F 116 -15.11 12.17 6.68
C TRP F 116 -15.05 11.96 8.18
N SER F 117 -15.58 10.82 8.62
CA SER F 117 -15.56 10.46 10.04
C SER F 117 -14.37 9.56 10.34
N ARG F 118 -14.07 9.44 11.62
CA ARG F 118 -13.02 8.52 12.09
C ARG F 118 -13.67 7.16 12.30
N GLY F 119 -13.29 6.20 11.46
CA GLY F 119 -13.89 4.88 11.49
C GLY F 119 -12.99 3.83 12.12
N ALA F 120 -13.41 3.32 13.27
CA ALA F 120 -12.65 2.27 13.94
C ALA F 120 -12.80 0.95 13.22
N MET F 121 -11.69 0.24 13.07
CA MET F 121 -11.71 -1.12 12.52
C MET F 121 -11.99 -2.15 13.61
N ALA F 122 -11.20 -2.14 14.67
CA ALA F 122 -11.54 -2.89 15.87
C ALA F 122 -12.55 -2.05 16.67
N PRO F 123 -13.83 -2.44 16.70
CA PRO F 123 -14.82 -1.57 17.32
C PRO F 123 -14.66 -1.45 18.83
N ALA F 124 -15.09 -0.30 19.36
CA ALA F 124 -15.07 -0.09 20.80
C ALA F 124 -16.04 -1.03 21.51
N GLY F 125 -17.20 -1.28 20.90
CA GLY F 125 -18.20 -2.15 21.51
C GLY F 125 -17.73 -3.55 21.77
N ASN F 126 -16.65 -3.98 21.11
CA ASN F 126 -16.09 -5.30 21.34
C ASN F 126 -15.16 -5.33 22.55
N ASN F 127 -15.05 -4.25 23.31
CA ASN F 127 -14.08 -4.16 24.39
C ASN F 127 -14.69 -3.49 25.62
N LYS F 128 -15.97 -3.77 25.87
CA LYS F 128 -16.60 -3.26 27.08
C LYS F 128 -15.97 -3.82 28.34
N PHE F 129 -15.21 -4.92 28.22
CA PHE F 129 -14.65 -5.61 29.38
C PHE F 129 -13.37 -4.98 29.89
N SER F 130 -12.72 -4.12 29.11
CA SER F 130 -11.44 -3.53 29.50
C SER F 130 -11.37 -2.09 29.00
N SER F 131 -11.25 -1.15 29.93
CA SER F 131 -11.14 0.26 29.54
C SER F 131 -9.85 0.54 28.81
N LYS F 132 -8.78 -0.20 29.13
CA LYS F 132 -7.53 -0.06 28.38
C LYS F 132 -7.70 -0.56 26.95
N ALA F 133 -8.36 -1.71 26.79
CA ALA F 133 -8.59 -2.24 25.44
C ALA F 133 -9.41 -1.27 24.60
N MET F 134 -10.48 -0.73 25.18
CA MET F 134 -11.32 0.21 24.44
C MET F 134 -10.55 1.48 24.10
N ALA F 135 -9.77 2.00 25.04
CA ALA F 135 -9.00 3.22 24.78
C ALA F 135 -8.03 3.03 23.62
N GLU F 136 -7.49 1.82 23.47
CA GLU F 136 -6.55 1.56 22.39
C GLU F 136 -7.23 1.47 21.03
N THR F 137 -8.52 1.13 20.99
CA THR F 137 -9.26 1.17 19.73
C THR F 137 -9.50 2.58 19.23
N PHE F 138 -9.21 3.59 20.05
CA PHE F 138 -9.32 4.99 19.63
C PHE F 138 -7.98 5.58 19.20
N TYR F 139 -6.90 4.81 19.24
CA TYR F 139 -5.68 5.23 18.57
C TYR F 139 -5.94 5.34 17.07
N LEU F 140 -5.35 6.36 16.45
CA LEU F 140 -5.56 6.57 15.02
C LEU F 140 -4.94 5.48 14.17
N SER F 141 -4.09 4.63 14.74
CA SER F 141 -3.59 3.46 14.01
C SER F 141 -4.72 2.47 13.68
N ASN F 142 -5.85 2.58 14.36
CA ASN F 142 -7.01 1.72 14.15
C ASN F 142 -8.11 2.42 13.38
N ILE F 143 -7.84 3.60 12.82
CA ILE F 143 -8.86 4.47 12.26
C ILE F 143 -8.60 4.65 10.76
N VAL F 144 -9.69 4.72 10.00
CA VAL F 144 -9.63 5.07 8.58
C VAL F 144 -10.69 6.13 8.33
N PRO F 145 -10.52 7.01 7.33
CA PRO F 145 -11.61 7.92 6.96
C PRO F 145 -12.80 7.14 6.44
N GLN F 146 -13.95 7.31 7.09
CA GLN F 146 -15.14 6.52 6.77
C GLN F 146 -16.34 7.44 6.61
N ASP F 147 -17.18 7.12 5.62
CA ASP F 147 -18.43 7.86 5.42
C ASP F 147 -19.25 7.87 6.69
N PHE F 148 -19.81 9.04 7.01
CA PHE F 148 -20.54 9.21 8.27
C PHE F 148 -21.71 8.24 8.37
N ASP F 149 -22.54 8.19 7.32
N ASP F 149 -22.54 8.19 7.32
CA ASP F 149 -23.70 7.30 7.35
CA ASP F 149 -23.70 7.30 7.34
C ASP F 149 -23.26 5.84 7.40
C ASP F 149 -23.26 5.84 7.40
N ASN F 150 -22.26 5.47 6.61
CA ASN F 150 -21.76 4.10 6.61
C ASN F 150 -21.27 3.70 8.01
N ASN F 151 -20.49 4.57 8.65
CA ASN F 151 -19.91 4.27 9.94
C ASN F 151 -20.98 3.99 11.00
N SER F 152 -21.97 4.88 11.09
CA SER F 152 -23.02 4.75 12.09
C SER F 152 -24.18 3.89 11.64
N GLY F 153 -24.19 3.45 10.38
CA GLY F 153 -25.29 2.68 9.85
C GLY F 153 -24.92 1.26 9.48
N TYR F 154 -24.73 1.01 8.18
CA TYR F 154 -24.53 -0.35 7.70
C TYR F 154 -23.33 -1.01 8.38
N TRP F 155 -22.19 -0.30 8.43
CA TRP F 155 -21.00 -0.88 9.06
C TRP F 155 -21.25 -1.13 10.54
N ASN F 156 -21.97 -0.22 11.21
CA ASN F 156 -22.33 -0.43 12.61
C ASN F 156 -23.15 -1.71 12.76
N ARG F 157 -24.02 -2.00 11.80
CA ARG F 157 -24.85 -3.19 11.89
C ARG F 157 -24.06 -4.46 11.61
N ILE F 158 -23.05 -4.39 10.74
CA ILE F 158 -22.16 -5.53 10.57
C ILE F 158 -21.43 -5.83 11.87
N GLU F 159 -20.92 -4.78 12.53
CA GLU F 159 -20.24 -4.96 13.81
C GLU F 159 -21.17 -5.59 14.84
N MET F 160 -22.45 -5.20 14.82
CA MET F 160 -23.41 -5.78 15.76
C MET F 160 -23.63 -7.26 15.47
N TYR F 161 -23.71 -7.63 14.19
CA TYR F 161 -23.87 -9.03 13.82
C TYR F 161 -22.68 -9.85 14.30
N CYS F 162 -21.47 -9.30 14.19
CA CYS F 162 -20.29 -10.01 14.67
C CYS F 162 -20.41 -10.31 16.16
N ARG F 163 -20.93 -9.37 16.94
CA ARG F 163 -21.10 -9.60 18.36
C ARG F 163 -22.24 -10.58 18.63
N GLU F 164 -23.31 -10.51 17.83
CA GLU F 164 -24.40 -11.48 17.98
C GLU F 164 -23.91 -12.90 17.76
N LEU F 165 -22.88 -13.09 16.92
CA LEU F 165 -22.36 -14.42 16.67
C LEU F 165 -21.78 -15.06 17.92
N THR F 166 -21.35 -14.25 18.90
CA THR F 166 -20.83 -14.81 20.14
C THR F 166 -21.91 -15.54 20.93
N GLU F 167 -23.18 -15.30 20.64
CA GLU F 167 -24.27 -16.05 21.27
CA GLU F 167 -24.27 -16.05 21.27
C GLU F 167 -24.46 -17.42 20.64
N ARG F 168 -23.94 -17.63 19.44
CA ARG F 168 -24.07 -18.90 18.74
C ARG F 168 -22.74 -19.62 18.54
N PHE F 169 -21.62 -18.92 18.63
CA PHE F 169 -20.29 -19.50 18.52
C PHE F 169 -19.46 -19.08 19.73
N GLU F 170 -18.63 -20.00 20.23
CA GLU F 170 -17.81 -19.70 21.40
C GLU F 170 -16.73 -18.68 21.09
N ASP F 171 -16.14 -18.75 19.89
CA ASP F 171 -15.03 -17.90 19.52
C ASP F 171 -15.29 -17.31 18.14
N VAL F 172 -14.92 -16.03 17.97
CA VAL F 172 -15.11 -15.31 16.71
C VAL F 172 -13.88 -14.45 16.48
N TRP F 173 -13.21 -14.66 15.34
CA TRP F 173 -12.08 -13.83 14.92
C TRP F 173 -12.52 -12.97 13.74
N VAL F 174 -12.10 -11.71 13.75
CA VAL F 174 -12.48 -10.75 12.73
C VAL F 174 -11.24 -10.00 12.28
N VAL F 175 -11.08 -9.87 10.96
CA VAL F 175 -10.05 -9.03 10.35
C VAL F 175 -10.75 -7.97 9.52
N SER F 176 -10.37 -6.71 9.73
CA SER F 176 -10.97 -5.59 9.02
C SER F 176 -9.88 -4.67 8.51
N GLY F 177 -10.18 -3.97 7.42
CA GLY F 177 -9.25 -3.03 6.86
C GLY F 177 -9.82 -2.26 5.68
N PRO F 178 -9.04 -1.29 5.18
CA PRO F 178 -9.47 -0.50 4.03
C PRO F 178 -9.08 -1.12 2.70
N LEU F 179 -9.70 -0.61 1.64
CA LEU F 179 -9.37 -1.03 0.28
C LEU F 179 -9.52 0.16 -0.64
N THR F 180 -8.68 0.19 -1.68
CA THR F 180 -8.76 1.18 -2.75
C THR F 180 -8.82 0.39 -4.06
N LEU F 181 -10.04 0.21 -4.60
CA LEU F 181 -10.28 -0.63 -5.77
C LEU F 181 -10.40 0.22 -7.04
N PRO F 182 -10.09 -0.36 -8.20
CA PRO F 182 -10.12 0.41 -9.44
C PRO F 182 -11.53 0.55 -10.01
N GLN F 183 -11.67 1.54 -10.89
CA GLN F 183 -12.92 1.82 -11.58
C GLN F 183 -12.64 1.78 -13.08
N THR F 184 -13.49 1.10 -13.83
CA THR F 184 -13.33 0.98 -15.26
C THR F 184 -13.95 2.19 -15.95
N ARG F 185 -13.16 2.90 -16.73
CA ARG F 185 -13.65 4.07 -17.44
C ARG F 185 -14.40 3.65 -18.70
N GLY F 186 -15.01 4.63 -19.37
CA GLY F 186 -15.72 4.36 -20.60
C GLY F 186 -14.81 3.91 -21.74
N ASP F 187 -13.51 4.16 -21.62
CA ASP F 187 -12.54 3.76 -22.62
C ASP F 187 -11.89 2.42 -22.31
N GLY F 188 -12.34 1.73 -21.27
CA GLY F 188 -11.74 0.47 -20.86
C GLY F 188 -10.56 0.61 -19.92
N LYS F 189 -10.05 1.82 -19.72
CA LYS F 189 -8.93 2.03 -18.82
C LYS F 189 -9.38 1.86 -17.38
N LYS F 190 -8.59 1.13 -16.59
CA LYS F 190 -8.89 0.89 -15.19
C LYS F 190 -8.00 1.77 -14.34
N ILE F 191 -8.61 2.54 -13.44
CA ILE F 191 -7.91 3.55 -12.67
C ILE F 191 -8.31 3.45 -11.21
N VAL F 192 -7.33 3.45 -10.32
CA VAL F 192 -7.55 3.59 -8.89
C VAL F 192 -7.46 5.07 -8.55
N SER F 193 -8.52 5.61 -7.96
CA SER F 193 -8.56 7.03 -7.61
C SER F 193 -9.19 7.18 -6.23
N TYR F 194 -8.44 7.77 -5.30
CA TYR F 194 -8.94 8.00 -3.96
C TYR F 194 -8.44 9.34 -3.43
N GLN F 195 -9.22 9.90 -2.50
CA GLN F 195 -8.88 11.18 -1.90
C GLN F 195 -7.93 10.97 -0.73
N VAL F 196 -7.05 11.95 -0.54
CA VAL F 196 -6.21 12.04 0.66
C VAL F 196 -6.54 13.35 1.35
N ILE F 197 -6.66 13.29 2.69
CA ILE F 197 -7.17 14.41 3.47
C ILE F 197 -6.14 14.85 4.49
N GLY F 198 -6.20 16.13 4.85
CA GLY F 198 -5.31 16.68 5.84
C GLY F 198 -3.91 16.92 5.30
N GLU F 199 -3.11 17.60 6.11
CA GLU F 199 -1.73 17.88 5.72
C GLU F 199 -0.89 16.61 5.66
N ASP F 200 -1.31 15.53 6.32
CA ASP F 200 -0.59 14.27 6.29
C ASP F 200 -1.08 13.33 5.18
N ASN F 201 -2.05 13.74 4.38
CA ASN F 201 -2.55 12.94 3.26
C ASN F 201 -3.00 11.56 3.73
N VAL F 202 -4.01 11.55 4.59
CA VAL F 202 -4.61 10.29 5.04
C VAL F 202 -5.50 9.76 3.92
N ALA F 203 -5.28 8.51 3.53
CA ALA F 203 -5.99 7.93 2.40
C ALA F 203 -7.41 7.57 2.78
N VAL F 204 -8.35 7.90 1.89
CA VAL F 204 -9.76 7.58 2.07
C VAL F 204 -10.07 6.33 1.27
N PRO F 205 -10.39 5.19 1.89
CA PRO F 205 -10.64 3.98 1.11
C PRO F 205 -11.95 4.07 0.34
N SER F 206 -11.98 3.39 -0.80
CA SER F 206 -13.22 3.27 -1.56
C SER F 206 -14.11 2.17 -1.00
N HIS F 207 -13.52 1.17 -0.37
CA HIS F 207 -14.26 0.07 0.22
C HIS F 207 -13.64 -0.31 1.55
N LEU F 208 -14.42 -1.03 2.35
CA LEU F 208 -13.93 -1.67 3.57
C LEU F 208 -14.20 -3.16 3.47
N TYR F 209 -13.34 -3.95 4.10
CA TYR F 209 -13.50 -5.40 4.09
C TYR F 209 -13.61 -5.92 5.51
N LYS F 210 -14.20 -7.10 5.63
CA LYS F 210 -14.31 -7.79 6.90
C LYS F 210 -14.26 -9.28 6.64
N VAL F 211 -13.40 -9.99 7.38
CA VAL F 211 -13.32 -11.44 7.33
C VAL F 211 -13.71 -11.98 8.69
N ILE F 212 -14.70 -12.88 8.72
CA ILE F 212 -15.25 -13.41 9.96
C ILE F 212 -14.95 -14.90 10.02
N LEU F 213 -14.36 -15.33 11.13
CA LEU F 213 -14.05 -16.74 11.38
C LEU F 213 -14.65 -17.12 12.73
N ALA F 214 -15.47 -18.16 12.74
CA ALA F 214 -16.21 -18.55 13.94
C ALA F 214 -16.03 -20.04 14.20
N ARG F 215 -15.72 -20.37 15.46
CA ARG F 215 -15.62 -21.74 15.91
C ARG F 215 -16.76 -22.00 16.90
N ARG F 216 -17.61 -22.97 16.58
CA ARG F 216 -18.78 -23.26 17.41
C ARG F 216 -18.38 -23.48 18.86
N SER F 217 -17.49 -24.43 19.10
CA SER F 217 -17.07 -24.76 20.46
C SER F 217 -15.64 -25.28 20.44
N SER F 218 -14.98 -25.16 21.59
CA SER F 218 -13.62 -25.67 21.74
C SER F 218 -13.58 -27.19 21.84
N VAL F 219 -14.73 -27.85 22.05
CA VAL F 219 -14.79 -29.30 22.08
C VAL F 219 -15.47 -29.88 20.85
N SER F 220 -16.30 -29.11 20.16
CA SER F 220 -17.00 -29.62 19.00
C SER F 220 -16.01 -29.93 17.86
N THR F 221 -16.29 -31.00 17.13
CA THR F 221 -15.58 -31.30 15.90
C THR F 221 -16.21 -30.64 14.69
N GLU F 222 -17.21 -29.80 14.91
CA GLU F 222 -17.88 -29.12 13.80
C GLU F 222 -16.88 -28.25 13.04
N PRO F 223 -16.96 -28.17 11.73
CA PRO F 223 -16.00 -27.36 10.98
C PRO F 223 -16.12 -25.88 11.30
N LEU F 224 -15.04 -25.16 11.04
CA LEU F 224 -15.05 -23.72 11.21
C LEU F 224 -15.88 -23.06 10.10
N ALA F 225 -16.45 -21.91 10.43
CA ALA F 225 -17.23 -21.13 9.49
C ALA F 225 -16.51 -19.82 9.19
N LEU F 226 -16.47 -19.44 7.91
CA LEU F 226 -15.75 -18.25 7.51
C LEU F 226 -16.56 -17.49 6.46
N GLY F 227 -16.42 -16.17 6.48
CA GLY F 227 -17.00 -15.31 5.47
C GLY F 227 -16.16 -14.08 5.22
N ALA F 228 -16.07 -13.66 3.96
CA ALA F 228 -15.37 -12.44 3.59
C ALA F 228 -16.35 -11.49 2.93
N PHE F 229 -16.27 -10.21 3.30
CA PHE F 229 -17.23 -9.22 2.83
C PHE F 229 -16.50 -7.94 2.46
N VAL F 230 -16.96 -7.31 1.38
CA VAL F 230 -16.39 -6.06 0.88
C VAL F 230 -17.55 -5.09 0.70
N VAL F 231 -17.50 -3.97 1.43
CA VAL F 231 -18.58 -3.00 1.44
CA VAL F 231 -18.59 -3.00 1.41
C VAL F 231 -18.04 -1.66 0.92
N PRO F 232 -18.77 -0.94 0.07
CA PRO F 232 -18.30 0.38 -0.37
C PRO F 232 -18.39 1.40 0.76
N ASN F 233 -17.38 2.28 0.83
CA ASN F 233 -17.32 3.31 1.85
C ASN F 233 -18.33 4.42 1.56
N GLU F 234 -19.61 4.14 1.75
CA GLU F 234 -20.67 5.09 1.43
C GLU F 234 -21.95 4.64 2.13
N ALA F 235 -22.98 5.47 2.02
N ALA F 235 -22.97 5.49 2.05
CA ALA F 235 -24.29 5.12 2.57
CA ALA F 235 -24.23 5.23 2.73
C ALA F 235 -24.90 3.97 1.76
C ALA F 235 -24.93 4.04 2.09
N ILE F 236 -25.71 3.16 2.43
N ILE F 236 -25.15 2.99 2.88
CA ILE F 236 -26.24 1.93 1.84
CA ILE F 236 -25.85 1.79 2.44
C ILE F 236 -27.73 1.79 2.10
C ILE F 236 -27.11 1.65 3.29
N GLY F 237 -28.12 1.87 3.36
N GLY F 237 -28.25 1.58 2.65
CA GLY F 237 -29.51 1.71 3.75
CA GLY F 237 -29.52 1.53 3.34
C GLY F 237 -29.79 0.34 4.35
C GLY F 237 -29.81 0.16 3.91
N PHE F 238 -31.07 -0.04 4.28
CA PHE F 238 -31.54 -1.30 4.86
C PHE F 238 -31.93 -2.35 3.83
N GLN F 239 -32.07 -1.98 2.55
CA GLN F 239 -32.53 -2.96 1.56
C GLN F 239 -31.46 -3.99 1.24
N PRO F 240 -30.20 -3.63 0.98
CA PRO F 240 -29.20 -4.65 0.64
C PRO F 240 -28.86 -5.52 1.84
N GLN F 241 -28.91 -6.83 1.64
CA GLN F 241 -28.55 -7.79 2.68
C GLN F 241 -27.05 -8.05 2.65
N LEU F 242 -26.54 -8.59 3.76
CA LEU F 242 -25.11 -8.76 3.90
C LEU F 242 -24.53 -9.68 2.83
N THR F 243 -25.25 -10.75 2.48
CA THR F 243 -24.73 -11.69 1.48
C THR F 243 -24.42 -10.99 0.16
N GLU F 244 -25.14 -9.91 -0.15
CA GLU F 244 -24.91 -9.21 -1.41
C GLU F 244 -23.52 -8.57 -1.47
N PHE F 245 -22.83 -8.44 -0.34
CA PHE F 245 -21.47 -7.92 -0.30
C PHE F 245 -20.45 -9.02 -0.04
N GLN F 246 -20.87 -10.28 -0.02
CA GLN F 246 -19.96 -11.37 0.26
C GLN F 246 -19.11 -11.69 -0.95
N VAL F 247 -17.85 -12.05 -0.70
CA VAL F 247 -16.92 -12.46 -1.74
C VAL F 247 -16.16 -13.68 -1.25
N SER F 248 -15.54 -14.39 -2.18
CA SER F 248 -14.69 -15.51 -1.80
C SER F 248 -13.44 -14.99 -1.11
N LEU F 249 -12.91 -15.81 -0.20
CA LEU F 249 -11.67 -15.43 0.49
C LEU F 249 -10.54 -15.20 -0.50
N GLN F 250 -10.46 -16.02 -1.54
CA GLN F 250 -9.38 -15.90 -2.52
C GLN F 250 -9.47 -14.57 -3.24
N ASP F 251 -10.68 -14.17 -3.65
CA ASP F 251 -10.84 -12.92 -4.39
C ASP F 251 -10.47 -11.73 -3.51
N LEU F 252 -10.87 -11.74 -2.24
CA LEU F 252 -10.50 -10.65 -1.34
C LEU F 252 -8.98 -10.62 -1.14
N GLU F 253 -8.37 -11.79 -0.96
CA GLU F 253 -6.92 -11.84 -0.80
C GLU F 253 -6.21 -11.31 -2.03
N LYS F 254 -6.78 -11.52 -3.22
CA LYS F 254 -6.20 -10.95 -4.43
C LYS F 254 -6.42 -9.44 -4.50
N LEU F 255 -7.55 -8.95 -3.98
CA LEU F 255 -7.81 -7.52 -3.99
C LEU F 255 -6.95 -6.78 -2.97
N SER F 256 -6.75 -7.38 -1.81
CA SER F 256 -6.02 -6.72 -0.72
C SER F 256 -4.53 -7.00 -0.75
N GLY F 257 -4.09 -8.04 -1.45
CA GLY F 257 -2.71 -8.45 -1.36
C GLY F 257 -2.34 -9.05 -0.02
N LEU F 258 -3.31 -9.62 0.70
CA LEU F 258 -3.08 -10.21 2.00
C LEU F 258 -3.44 -11.68 1.98
N VAL F 259 -2.93 -12.41 2.98
CA VAL F 259 -3.30 -13.80 3.23
C VAL F 259 -3.82 -13.86 4.66
N PHE F 260 -5.11 -14.13 4.81
CA PHE F 260 -5.75 -14.15 6.11
C PHE F 260 -5.64 -15.54 6.73
N PHE F 261 -5.44 -15.58 8.05
CA PHE F 261 -5.40 -16.81 8.83
C PHE F 261 -4.54 -17.85 8.11
N PRO F 262 -3.22 -17.64 8.03
CA PRO F 262 -2.39 -18.57 7.25
C PRO F 262 -2.27 -19.95 7.88
N HIS F 263 -2.33 -20.05 9.21
CA HIS F 263 -2.27 -21.35 9.86
C HIS F 263 -3.49 -22.21 9.55
N LEU F 264 -4.58 -21.61 9.10
CA LEU F 264 -5.80 -22.35 8.81
C LEU F 264 -5.59 -23.25 7.59
N ASP F 265 -6.01 -24.50 7.72
CA ASP F 265 -5.85 -25.49 6.66
C ASP F 265 -7.02 -25.39 5.70
N ARG F 266 -6.75 -24.91 4.48
CA ARG F 266 -7.82 -24.73 3.50
C ARG F 266 -8.25 -26.04 2.86
N THR F 267 -7.41 -27.08 2.92
CA THR F 267 -7.84 -28.40 2.50
C THR F 267 -8.95 -28.93 3.41
N SER F 268 -8.89 -28.60 4.70
CA SER F 268 -9.87 -29.05 5.68
C SER F 268 -11.26 -28.52 5.33
N ASP F 269 -12.26 -28.95 6.10
CA ASP F 269 -13.63 -28.51 5.86
C ASP F 269 -13.84 -27.15 6.51
N ILE F 270 -14.15 -26.15 5.69
CA ILE F 270 -14.47 -24.81 6.15
C ILE F 270 -15.76 -24.40 5.48
N ARG F 271 -16.81 -24.21 6.27
CA ARG F 271 -18.13 -23.91 5.71
C ARG F 271 -18.31 -22.42 5.53
N ASN F 272 -19.18 -22.07 4.59
CA ASN F 272 -19.57 -20.68 4.38
C ASN F 272 -20.39 -20.19 5.56
N ILE F 273 -19.95 -19.09 6.18
CA ILE F 273 -20.64 -18.57 7.37
C ILE F 273 -22.10 -18.28 7.05
N CYS F 274 -22.39 -17.81 5.84
CA CYS F 274 -23.75 -17.47 5.45
C CYS F 274 -24.59 -18.69 5.09
N SER F 275 -24.00 -19.89 5.14
CA SER F 275 -24.75 -21.13 5.01
C SER F 275 -25.00 -21.78 6.37
N VAL F 276 -24.03 -21.71 7.26
CA VAL F 276 -24.20 -22.21 8.62
C VAL F 276 -25.07 -21.25 9.44
N ASP F 277 -24.93 -19.95 9.18
CA ASP F 277 -25.62 -18.90 9.93
C ASP F 277 -26.45 -18.08 8.95
N THR F 278 -27.14 -17.07 9.49
CA THR F 278 -28.07 -16.29 8.67
C THR F 278 -27.38 -15.18 7.88
N CYS F 279 -26.26 -14.67 8.38
CA CYS F 279 -25.65 -13.46 7.81
C CYS F 279 -26.72 -12.36 7.69
N LYS F 280 -27.49 -12.22 8.75
CA LYS F 280 -28.70 -11.41 8.75
C LYS F 280 -28.53 -10.24 9.71
N LEU F 281 -28.61 -9.03 9.18
CA LEU F 281 -28.43 -7.82 9.96
C LEU F 281 -29.77 -7.34 10.54
N LEU F 282 -29.68 -6.50 11.55
CA LEU F 282 -30.86 -5.89 12.13
C LEU F 282 -31.63 -5.10 11.08
N ASP F 283 -32.95 -5.28 11.06
CA ASP F 283 -33.78 -4.58 10.10
C ASP F 283 -34.07 -3.16 10.62
N PHE F 284 -34.88 -2.41 9.86
CA PHE F 284 -35.13 -1.02 10.19
C PHE F 284 -35.78 -0.88 11.56
N GLN F 285 -36.76 -1.73 11.88
CA GLN F 285 -37.46 -1.63 13.15
CA GLN F 285 -37.46 -1.63 13.15
C GLN F 285 -36.53 -1.93 14.31
N GLU F 286 -35.86 -3.08 14.28
CA GLU F 286 -34.99 -3.46 15.40
C GLU F 286 -33.87 -2.44 15.61
N PHE F 287 -33.24 -2.00 14.52
CA PHE F 287 -32.13 -1.06 14.64
C PHE F 287 -32.60 0.28 15.19
N THR F 288 -33.73 0.79 14.70
CA THR F 288 -34.22 2.09 15.16
C THR F 288 -34.63 2.03 16.62
N LEU F 289 -35.26 0.92 17.04
CA LEU F 289 -35.69 0.82 18.43
C LEU F 289 -34.50 0.76 19.37
N TYR F 290 -33.42 0.09 18.97
CA TYR F 290 -32.24 0.02 19.83
C TYR F 290 -31.57 1.39 19.96
N LEU F 291 -31.38 2.09 18.84
CA LEU F 291 -30.81 3.43 18.91
C LEU F 291 -31.68 4.35 19.75
N SER F 292 -33.00 4.34 19.50
CA SER F 292 -33.91 5.17 20.28
C SER F 292 -33.77 4.87 21.77
N THR F 293 -33.67 3.59 22.14
CA THR F 293 -33.50 3.22 23.54
C THR F 293 -32.20 3.77 24.09
N ARG F 294 -31.11 3.60 23.34
CA ARG F 294 -29.81 4.09 23.82
C ARG F 294 -29.78 5.60 23.94
N LYS F 295 -30.48 6.32 23.04
CA LYS F 295 -30.44 7.77 23.07
C LYS F 295 -31.27 8.37 24.19
N ILE F 296 -32.06 7.55 24.90
CA ILE F 296 -32.76 8.04 26.09
C ILE F 296 -31.75 8.54 27.11
N GLU F 297 -30.63 7.83 27.27
CA GLU F 297 -29.65 8.19 28.29
C GLU F 297 -29.03 9.55 28.00
N GLY F 298 -28.93 9.94 26.74
CA GLY F 298 -28.33 11.19 26.35
C GLY F 298 -29.30 12.35 26.23
N ALA F 299 -30.59 12.12 26.43
CA ALA F 299 -31.57 13.20 26.36
C ALA F 299 -31.27 14.23 27.44
N ARG F 300 -31.28 15.51 27.05
CA ARG F 300 -30.93 16.60 27.95
C ARG F 300 -32.10 17.51 28.28
N SER F 301 -33.26 17.32 27.65
CA SER F 301 -34.46 18.05 27.99
C SER F 301 -35.65 17.15 27.75
N VAL F 302 -36.78 17.51 28.34
CA VAL F 302 -38.02 16.76 28.11
C VAL F 302 -38.37 16.80 26.63
N LEU F 303 -38.18 17.95 25.99
CA LEU F 303 -38.50 18.08 24.57
C LEU F 303 -37.64 17.14 23.74
N ARG F 304 -36.36 17.01 24.08
CA ARG F 304 -35.48 16.12 23.34
C ARG F 304 -35.86 14.66 23.55
N LEU F 305 -36.19 14.30 24.78
CA LEU F 305 -36.64 12.92 25.04
C LEU F 305 -37.95 12.63 24.34
N GLU F 306 -38.86 13.62 24.31
CA GLU F 306 -40.13 13.42 23.63
C GLU F 306 -39.94 13.24 22.12
N LYS F 307 -38.91 13.86 21.55
CA LYS F 307 -38.69 13.72 20.12
C LYS F 307 -38.27 12.30 19.75
N ILE F 308 -37.61 11.59 20.66
CA ILE F 308 -37.30 10.18 20.43
C ILE F 308 -38.58 9.39 20.29
N MET F 309 -39.52 9.57 21.22
CA MET F 309 -40.81 8.89 21.13
C MET F 309 -41.52 9.28 19.83
N GLU F 310 -41.50 10.56 19.49
CA GLU F 310 -42.15 11.00 18.26
C GLU F 310 -41.56 10.29 17.04
N ASN F 311 -40.24 10.07 17.04
CA ASN F 311 -39.60 9.38 15.93
CA ASN F 311 -39.60 9.38 15.93
C ASN F 311 -40.09 7.95 15.80
N LEU F 312 -40.23 7.25 16.93
CA LEU F 312 -40.70 5.87 16.88
C LEU F 312 -42.11 5.78 16.32
N LYS F 313 -42.98 6.74 16.69
CA LYS F 313 -44.36 6.67 16.23
C LYS F 313 -44.47 7.05 14.75
N ASN F 314 -43.65 7.99 14.30
CA ASN F 314 -43.57 8.27 12.86
C ASN F 314 -43.11 7.03 12.09
N ALA F 315 -42.25 6.23 12.69
CA ALA F 315 -41.78 4.99 12.08
C ALA F 315 -42.74 3.83 12.33
N GLU F 316 -43.84 4.05 13.06
CA GLU F 316 -44.81 3.00 13.36
C GLU F 316 -44.15 1.84 14.09
N ILE F 317 -43.23 2.16 14.99
CA ILE F 317 -42.52 1.19 15.81
C ILE F 317 -43.09 1.26 17.22
N GLU F 318 -43.65 0.16 17.70
CA GLU F 318 -44.19 0.12 19.05
C GLU F 318 -43.06 -0.08 20.05
N PRO F 319 -42.96 0.73 21.09
CA PRO F 319 -41.93 0.51 22.10
C PRO F 319 -42.16 -0.77 22.88
N ASP F 320 -41.07 -1.44 23.24
CA ASP F 320 -41.12 -2.60 24.11
C ASP F 320 -41.09 -2.14 25.57
N ASP F 321 -41.28 -3.12 26.47
CA ASP F 321 -41.30 -2.80 27.90
C ASP F 321 -39.97 -2.18 28.35
N TYR F 322 -38.86 -2.63 27.77
CA TYR F 322 -37.56 -2.09 28.18
C TYR F 322 -37.42 -0.62 27.82
N PHE F 323 -37.98 -0.23 26.67
CA PHE F 323 -37.93 1.18 26.26
C PHE F 323 -38.78 2.05 27.17
N MET F 324 -40.01 1.60 27.46
CA MET F 324 -40.94 2.45 28.21
C MET F 324 -40.42 2.72 29.63
N SER F 325 -39.96 1.68 30.32
CA SER F 325 -39.46 1.88 31.68
C SER F 325 -38.30 2.86 31.70
N ARG F 326 -37.34 2.70 30.79
CA ARG F 326 -36.25 3.66 30.69
C ARG F 326 -36.75 5.03 30.28
N TYR F 327 -37.76 5.07 29.40
CA TYR F 327 -38.28 6.35 28.93
C TYR F 327 -38.97 7.11 30.05
N GLU F 328 -39.83 6.43 30.83
CA GLU F 328 -40.59 7.11 31.87
C GLU F 328 -39.67 7.55 33.01
N LYS F 329 -38.70 6.72 33.38
CA LYS F 329 -37.81 7.07 34.48
C LYS F 329 -36.79 8.12 34.09
N LYS F 330 -36.40 8.18 32.81
CA LYS F 330 -35.58 9.30 32.35
C LYS F 330 -36.41 10.56 32.28
N LEU F 331 -37.68 10.45 31.88
CA LEU F 331 -38.56 11.60 31.87
C LEU F 331 -38.67 12.22 33.26
N GLU F 332 -38.88 11.38 34.28
CA GLU F 332 -38.95 11.88 35.65
C GLU F 332 -37.65 12.55 36.07
N GLU F 333 -36.51 12.00 35.65
CA GLU F 333 -35.23 12.60 35.97
C GLU F 333 -35.12 14.00 35.38
N LEU F 334 -35.53 14.17 34.13
CA LEU F 334 -35.41 15.48 33.47
C LEU F 334 -36.47 16.46 33.97
N LYS F 335 -37.66 15.98 34.32
CA LYS F 335 -38.67 16.86 34.91
C LYS F 335 -38.15 17.49 36.19
N ALA F 336 -37.56 16.68 37.07
CA ALA F 336 -37.00 17.21 38.31
C ALA F 336 -35.87 18.20 38.04
N LYS F 337 -35.13 18.01 36.96
CA LYS F 337 -34.08 18.97 36.62
C LYS F 337 -34.68 20.32 36.24
N GLU F 338 -35.81 20.32 35.53
CA GLU F 338 -36.43 21.57 35.10
C GLU F 338 -37.11 22.31 36.25
N GLN F 339 -37.18 21.71 37.45
CA GLN F 339 -37.72 22.44 38.59
C GLN F 339 -36.68 23.35 39.23
N SER F 340 -35.45 22.88 39.36
CA SER F 340 -34.37 23.68 39.92
C SER F 340 -34.07 24.88 39.01
CL CL G . 12.94 10.50 -21.35
MG MG H . 14.98 0.38 -17.40
MG MG I . -17.18 2.64 13.32
CL CL J . -25.37 3.19 6.14
MG MG K . -30.95 13.95 22.18
#